data_2HRU
#
_entry.id   2HRU
#
_cell.length_a   56.626
_cell.length_b   70.960
_cell.length_c   136.953
_cell.angle_alpha   90.00
_cell.angle_beta   90.00
_cell.angle_gamma   90.00
#
_symmetry.space_group_name_H-M   'P 21 21 21'
#
loop_
_entity.id
_entity.type
_entity.pdbx_description
1 polymer 'Phosphoribosylformylglycinamidine synthase II'
2 non-polymer 'MAGNESIUM ION'
3 non-polymer "ADENOSINE-5'-DIPHOSPHATE"
4 water water
#
_entity_poly.entity_id   1
_entity_poly.type   'polypeptide(L)'
_entity_poly.pdbx_seq_one_letter_code
;MKLRYLNILKEKLGREPTFVELQAFSVMWSEHCGYSHTKKYIRRLPKTGFEGNAGVVNLDDYYSVAFKIESANHPSAIEP
YNGAATGVGGIIRDVLAMGARPTAIFDSLHMSRIIDGIIEGIADYGNSIGVPTVGGELRISSLYAHNPLVNVLAAGVVRN
DMLVDSKASRPGQVIVIFGGATGRDGIHGASFASEDLTGDKATKLSIQVGDPFAEKMLIEAFLEMVEEGLVEGAQDLGAG
GVLSATSELVAKGNLGAIVHLDRVPLREPDMEPWEILISESQERMAVVTSPQKASRILEIARKHLLFGDVVAEVIEEPVY
RVMYRNDLVMEVPVQLLANAPEEDIVEYTPGKIPEFKRVEFEEVNAREVFEQYDHMVGTDTVVPPGFGAAVMRIKRDGGY
SLVTHSRADLALQDTYWGTLIAVLESVRKTLSVGAEPLAITNCVNYGDPDVDPVGLSAMMTALKNACEFSGVPVASGNAS
LYNTYQGKPIPPTLVVGMLGKVNPQKVAKPKPSKVFAVGWNDFELEREKELWRAIRKLSEEGAFILSSSQLLTRTHVETF
REYGLKIEVKLPEVRPAHQMVLVFSERTPVVDVPVKEIGTLSR
;
_entity_poly.pdbx_strand_id   A
#
# COMPACT_ATOMS: atom_id res chain seq x y z
N LYS A 2 -1.77 12.73 22.83
CA LYS A 2 -1.38 14.07 22.31
C LYS A 2 -1.22 15.08 23.46
N LEU A 3 -2.03 14.93 24.51
CA LEU A 3 -1.93 15.82 25.66
C LEU A 3 -0.48 15.72 26.08
N ARG A 4 -0.07 14.46 26.28
CA ARG A 4 1.29 14.12 26.66
C ARG A 4 2.16 14.90 25.69
N TYR A 5 1.74 14.85 24.43
CA TYR A 5 2.42 15.46 23.30
C TYR A 5 2.51 16.98 23.24
N LEU A 6 1.55 17.70 23.80
CA LEU A 6 1.64 19.17 23.78
C LEU A 6 2.59 19.68 24.86
N ASN A 7 2.54 19.07 26.04
CA ASN A 7 3.43 19.51 27.11
C ASN A 7 4.86 19.14 26.71
N ILE A 8 4.99 18.18 25.80
CA ILE A 8 6.30 17.77 25.28
C ILE A 8 6.74 18.84 24.32
N LEU A 9 5.81 19.24 23.45
CA LEU A 9 6.10 20.28 22.49
C LEU A 9 6.47 21.53 23.28
N LYS A 10 5.58 21.94 24.20
CA LYS A 10 5.79 23.13 25.03
C LYS A 10 7.09 23.00 25.76
N GLU A 11 7.44 21.77 26.10
CA GLU A 11 8.71 21.54 26.79
C GLU A 11 9.82 21.89 25.82
N LYS A 12 9.79 21.28 24.62
CA LYS A 12 10.82 21.49 23.62
C LYS A 12 10.91 22.92 23.13
N LEU A 13 9.76 23.52 22.90
CA LEU A 13 9.74 24.89 22.46
C LEU A 13 10.00 25.87 23.60
N GLY A 14 9.91 25.38 24.83
CA GLY A 14 10.14 26.24 25.98
C GLY A 14 9.29 27.49 25.85
N ARG A 15 8.01 27.29 25.58
CA ARG A 15 7.02 28.34 25.42
C ARG A 15 5.74 27.75 24.82
N GLU A 16 4.64 28.51 24.93
CA GLU A 16 3.36 28.12 24.36
C GLU A 16 3.47 28.30 22.84
N PRO A 17 3.06 27.29 22.08
CA PRO A 17 3.12 27.35 20.62
C PRO A 17 2.27 28.47 20.04
N THR A 18 2.66 28.98 18.89
CA THR A 18 1.87 30.04 18.26
C THR A 18 0.68 29.28 17.67
N PHE A 19 -0.27 30.01 17.06
CA PHE A 19 -1.43 29.38 16.43
C PHE A 19 -0.99 28.48 15.27
N VAL A 20 0.00 28.94 14.51
CA VAL A 20 0.52 28.20 13.38
C VAL A 20 1.25 26.95 13.82
N GLU A 21 2.28 27.11 14.66
CA GLU A 21 3.04 25.97 15.15
C GLU A 21 2.03 24.93 15.55
N LEU A 22 1.10 25.39 16.38
CA LEU A 22 0.02 24.57 16.92
C LEU A 22 -0.60 23.71 15.84
N GLN A 23 -1.00 24.35 14.75
CA GLN A 23 -1.63 23.67 13.62
C GLN A 23 -0.63 22.70 13.00
N ALA A 24 0.54 23.23 12.63
CA ALA A 24 1.61 22.47 12.02
C ALA A 24 1.98 21.19 12.74
N PHE A 25 1.94 21.21 14.08
CA PHE A 25 2.29 20.01 14.82
C PHE A 25 1.09 19.12 15.01
N SER A 26 -0.11 19.71 14.99
CA SER A 26 -1.32 18.92 15.14
C SER A 26 -1.36 17.88 14.04
N VAL A 27 -0.72 18.18 12.92
CA VAL A 27 -0.68 17.25 11.79
C VAL A 27 0.56 16.37 11.81
N MET A 28 1.73 17.00 11.74
CA MET A 28 2.99 16.27 11.74
C MET A 28 3.13 15.31 12.90
N TRP A 29 2.55 15.65 14.04
CA TRP A 29 2.64 14.81 15.23
C TRP A 29 1.45 13.88 15.47
N SER A 30 0.43 13.98 14.62
CA SER A 30 -0.75 13.13 14.74
C SER A 30 -0.37 11.75 14.24
N GLU A 31 -1.00 10.74 14.83
CA GLU A 31 -0.72 9.36 14.48
C GLU A 31 -0.49 9.17 12.98
N HIS A 32 -1.45 9.57 12.16
CA HIS A 32 -1.31 9.42 10.70
C HIS A 32 0.06 9.81 10.13
N CYS A 33 0.54 11.00 10.46
CA CYS A 33 1.82 11.47 9.95
C CYS A 33 3.02 11.08 10.82
N GLY A 34 2.77 10.86 12.11
CA GLY A 34 3.84 10.57 13.04
C GLY A 34 4.24 9.12 13.30
N TYR A 35 3.25 8.25 13.46
CA TYR A 35 3.52 6.84 13.73
C TYR A 35 4.16 6.68 15.11
N SER A 36 3.66 7.43 16.08
CA SER A 36 4.18 7.38 17.45
C SER A 36 4.03 6.04 18.16
N HIS A 37 3.12 5.19 17.67
CA HIS A 37 2.87 3.89 18.27
C HIS A 37 3.47 2.73 17.47
N THR A 38 3.96 3.04 16.27
CA THR A 38 4.52 2.02 15.38
C THR A 38 5.98 2.21 14.96
N LYS A 39 6.51 3.42 15.16
CA LYS A 39 7.91 3.72 14.81
C LYS A 39 8.84 2.61 15.28
N LYS A 40 8.77 2.27 16.57
CA LYS A 40 9.62 1.23 17.16
C LYS A 40 9.34 -0.17 16.63
N TYR A 41 8.06 -0.53 16.61
CA TYR A 41 7.67 -1.83 16.12
C TYR A 41 8.06 -1.99 14.67
N ILE A 42 8.10 -0.89 13.94
CA ILE A 42 8.45 -0.92 12.51
C ILE A 42 9.94 -1.11 12.31
N ARG A 43 10.73 -0.25 12.95
CA ARG A 43 12.18 -0.33 12.82
C ARG A 43 12.67 -1.77 13.01
N ARG A 44 11.89 -2.56 13.72
CA ARG A 44 12.22 -3.95 14.02
C ARG A 44 12.11 -4.89 12.82
N LEU A 45 11.19 -4.58 11.93
CA LEU A 45 10.96 -5.41 10.75
C LEU A 45 12.13 -5.42 9.77
N PRO A 46 12.40 -6.61 9.20
CA PRO A 46 13.49 -6.77 8.22
C PRO A 46 13.10 -5.93 6.99
N LYS A 47 14.00 -5.06 6.55
CA LYS A 47 13.73 -4.19 5.40
C LYS A 47 14.39 -4.69 4.12
N THR A 48 14.32 -3.88 3.07
CA THR A 48 14.90 -4.23 1.79
C THR A 48 14.66 -3.21 0.69
N GLY A 49 15.51 -3.27 -0.34
CA GLY A 49 15.42 -2.37 -1.47
C GLY A 49 15.93 -0.97 -1.21
N PHE A 50 14.99 -0.04 -1.11
CA PHE A 50 15.26 1.37 -0.87
C PHE A 50 13.89 2.03 -0.79
N GLU A 51 13.37 2.14 0.42
CA GLU A 51 12.06 2.73 0.62
C GLU A 51 12.11 4.23 0.84
N GLY A 52 11.21 4.93 0.17
CA GLY A 52 11.10 6.37 0.32
C GLY A 52 9.63 6.56 0.58
N ASN A 53 8.90 6.92 -0.46
CA ASN A 53 7.46 7.09 -0.35
C ASN A 53 6.79 5.82 -0.85
N ALA A 54 7.61 4.78 -0.98
CA ALA A 54 7.17 3.48 -1.44
C ALA A 54 8.42 2.63 -1.63
N GLY A 55 8.33 1.36 -1.26
CA GLY A 55 9.47 0.47 -1.41
C GLY A 55 9.78 0.19 -2.86
N VAL A 56 11.05 0.26 -3.21
CA VAL A 56 11.48 -0.02 -4.59
C VAL A 56 12.33 -1.28 -4.56
N VAL A 57 11.86 -2.31 -5.26
CA VAL A 57 12.55 -3.58 -5.31
C VAL A 57 13.20 -3.88 -6.67
N ASN A 58 14.45 -4.31 -6.64
CA ASN A 58 15.16 -4.62 -7.88
C ASN A 58 14.52 -5.87 -8.44
N LEU A 59 14.11 -5.81 -9.71
CA LEU A 59 13.46 -6.95 -10.33
C LEU A 59 14.34 -7.70 -11.34
N ASP A 60 15.43 -7.08 -11.81
CA ASP A 60 16.30 -7.77 -12.76
C ASP A 60 17.60 -7.01 -12.99
N ASP A 61 17.98 -6.18 -12.05
CA ASP A 61 19.21 -5.39 -12.18
C ASP A 61 19.10 -4.24 -13.15
N TYR A 62 18.02 -4.22 -13.95
CA TYR A 62 17.82 -3.11 -14.86
C TYR A 62 16.57 -2.37 -14.46
N TYR A 63 15.50 -3.13 -14.24
CA TYR A 63 14.23 -2.54 -13.84
C TYR A 63 13.98 -2.84 -12.37
N SER A 64 13.13 -2.02 -11.76
CA SER A 64 12.75 -2.21 -10.37
C SER A 64 11.28 -1.85 -10.28
N VAL A 65 10.58 -2.57 -9.42
CA VAL A 65 9.16 -2.30 -9.21
C VAL A 65 9.04 -1.51 -7.93
N ALA A 66 8.25 -0.45 -7.99
CA ALA A 66 8.00 0.42 -6.85
C ALA A 66 6.54 0.22 -6.44
N PHE A 67 6.29 -0.07 -5.17
CA PHE A 67 4.93 -0.29 -4.68
C PHE A 67 4.77 0.06 -3.20
N LYS A 68 3.53 0.23 -2.75
CA LYS A 68 3.20 0.58 -1.37
C LYS A 68 1.68 0.41 -1.22
N ILE A 69 1.19 0.11 -0.02
CA ILE A 69 -0.25 -0.09 0.17
C ILE A 69 -0.79 0.82 1.24
N GLU A 70 -1.47 1.89 0.83
CA GLU A 70 -1.99 2.89 1.77
C GLU A 70 -3.44 2.62 2.11
N SER A 71 -3.91 3.22 3.20
CA SER A 71 -5.31 3.02 3.59
C SER A 71 -6.09 4.32 3.48
N ALA A 72 -7.41 4.20 3.42
CA ALA A 72 -8.31 5.34 3.35
C ALA A 72 -9.55 4.98 4.19
N ASN A 73 -9.30 4.54 5.41
CA ASN A 73 -10.38 4.11 6.30
C ASN A 73 -11.31 5.20 6.83
N HIS A 74 -10.74 6.26 7.41
CA HIS A 74 -11.54 7.34 7.97
C HIS A 74 -12.25 8.18 6.88
N PRO A 75 -11.52 8.58 5.82
CA PRO A 75 -12.16 9.37 4.78
C PRO A 75 -13.16 8.57 4.00
N SER A 76 -13.03 7.25 4.00
CA SER A 76 -13.98 6.39 3.29
C SER A 76 -15.20 6.13 4.16
N ALA A 77 -15.01 6.12 5.47
CA ALA A 77 -16.12 5.89 6.39
C ALA A 77 -17.09 7.05 6.23
N ILE A 78 -16.56 8.27 6.20
CA ILE A 78 -17.40 9.45 6.04
C ILE A 78 -18.07 9.42 4.66
N GLU A 79 -17.24 9.55 3.64
CA GLU A 79 -17.69 9.54 2.26
C GLU A 79 -17.09 8.32 1.57
N PRO A 80 -17.92 7.43 1.01
CA PRO A 80 -17.33 6.26 0.35
C PRO A 80 -16.68 6.56 -1.00
N TYR A 81 -17.42 7.19 -1.89
CA TYR A 81 -16.88 7.49 -3.20
C TYR A 81 -15.62 8.35 -3.12
N ASN A 82 -15.72 9.56 -2.59
CA ASN A 82 -14.56 10.44 -2.48
C ASN A 82 -13.46 9.84 -1.61
N GLY A 83 -13.87 8.97 -0.69
CA GLY A 83 -12.90 8.33 0.17
C GLY A 83 -12.02 7.42 -0.66
N ALA A 84 -12.63 6.44 -1.30
CA ALA A 84 -11.91 5.49 -2.12
C ALA A 84 -11.03 6.18 -3.17
N ALA A 85 -11.67 6.90 -4.10
CA ALA A 85 -10.97 7.61 -5.17
C ALA A 85 -9.76 8.44 -4.73
N THR A 86 -9.85 9.05 -3.57
CA THR A 86 -8.75 9.86 -3.08
C THR A 86 -7.60 8.98 -2.60
N GLY A 87 -7.96 7.84 -2.02
CA GLY A 87 -6.95 6.91 -1.54
C GLY A 87 -6.19 6.44 -2.76
N VAL A 88 -6.92 6.25 -3.85
CA VAL A 88 -6.29 5.81 -5.08
C VAL A 88 -5.41 6.94 -5.59
N GLY A 89 -5.88 8.17 -5.44
CA GLY A 89 -5.11 9.29 -5.91
C GLY A 89 -3.77 9.44 -5.22
N GLY A 90 -3.80 9.38 -3.90
CA GLY A 90 -2.60 9.53 -3.10
C GLY A 90 -1.56 8.42 -3.18
N ILE A 91 -1.97 7.17 -2.98
CA ILE A 91 -1.01 6.08 -3.03
C ILE A 91 -0.31 6.05 -4.37
N ILE A 92 -1.06 6.33 -5.44
CA ILE A 92 -0.45 6.35 -6.77
C ILE A 92 0.62 7.46 -6.84
N ARG A 93 0.40 8.56 -6.11
CA ARG A 93 1.38 9.64 -6.09
C ARG A 93 2.65 9.19 -5.38
N ASP A 94 2.49 8.43 -4.28
CA ASP A 94 3.65 7.94 -3.56
C ASP A 94 4.48 7.08 -4.52
N VAL A 95 3.81 6.29 -5.36
CA VAL A 95 4.53 5.46 -6.31
C VAL A 95 5.12 6.37 -7.36
N LEU A 96 4.38 7.38 -7.74
CA LEU A 96 4.88 8.31 -8.74
C LEU A 96 6.13 9.03 -8.22
N ALA A 97 6.07 9.48 -6.96
CA ALA A 97 7.17 10.22 -6.37
C ALA A 97 8.48 9.47 -6.33
N MET A 98 8.47 8.17 -6.61
CA MET A 98 9.71 7.40 -6.58
C MET A 98 10.36 7.28 -7.98
N GLY A 99 9.68 7.84 -8.98
CA GLY A 99 10.21 7.79 -10.33
C GLY A 99 9.68 6.65 -11.17
N ALA A 100 8.66 5.97 -10.65
CA ALA A 100 8.07 4.85 -11.36
C ALA A 100 6.71 5.23 -11.96
N ARG A 101 6.42 4.67 -13.13
CA ARG A 101 5.16 4.91 -13.82
C ARG A 101 4.13 3.92 -13.32
N PRO A 102 3.02 4.42 -12.75
CA PRO A 102 1.95 3.58 -12.21
C PRO A 102 1.48 2.54 -13.22
N THR A 103 1.57 1.27 -12.84
CA THR A 103 1.18 0.20 -13.74
C THR A 103 0.07 -0.73 -13.25
N ALA A 104 -0.28 -0.62 -11.97
CA ALA A 104 -1.31 -1.47 -11.43
C ALA A 104 -1.87 -0.92 -10.13
N ILE A 105 -3.15 -1.17 -9.91
CA ILE A 105 -3.84 -0.74 -8.71
C ILE A 105 -4.43 -2.03 -8.17
N PHE A 106 -4.13 -2.35 -6.92
CA PHE A 106 -4.63 -3.58 -6.32
C PHE A 106 -5.51 -3.27 -5.10
N ASP A 107 -6.71 -3.84 -5.12
CA ASP A 107 -7.70 -3.64 -4.08
C ASP A 107 -7.57 -4.48 -2.83
N SER A 108 -8.18 -3.97 -1.75
CA SER A 108 -8.27 -4.65 -0.47
C SER A 108 -9.37 -3.96 0.34
N LEU A 109 -10.60 -4.38 0.07
CA LEU A 109 -11.78 -3.84 0.74
C LEU A 109 -12.27 -4.72 1.84
N HIS A 110 -12.67 -4.12 2.94
CA HIS A 110 -13.21 -4.87 4.07
C HIS A 110 -14.48 -4.12 4.50
N MET A 111 -15.62 -4.73 4.26
CA MET A 111 -16.88 -4.09 4.57
C MET A 111 -18.01 -4.98 5.10
N SER A 112 -19.01 -4.31 5.65
CA SER A 112 -20.22 -4.94 6.18
C SER A 112 -21.10 -5.37 5.02
N ARG A 113 -20.86 -4.78 3.86
CA ARG A 113 -21.61 -5.08 2.64
C ARG A 113 -20.82 -4.54 1.46
N ILE A 114 -21.36 -4.72 0.26
CA ILE A 114 -20.72 -4.21 -0.95
C ILE A 114 -21.14 -2.75 -1.08
N ILE A 115 -20.29 -1.84 -0.61
CA ILE A 115 -20.60 -0.44 -0.70
C ILE A 115 -20.22 -0.03 -2.12
N ASP A 116 -21.22 0.20 -2.95
CA ASP A 116 -20.96 0.59 -4.32
C ASP A 116 -20.11 1.84 -4.37
N GLY A 117 -20.22 2.68 -3.36
CA GLY A 117 -19.44 3.91 -3.37
C GLY A 117 -17.93 3.70 -3.40
N ILE A 118 -17.45 2.73 -2.63
CA ILE A 118 -16.02 2.46 -2.54
C ILE A 118 -15.46 1.80 -3.79
N ILE A 119 -16.21 0.84 -4.32
CA ILE A 119 -15.79 0.12 -5.49
C ILE A 119 -15.75 1.01 -6.74
N GLU A 120 -16.68 1.94 -6.85
CA GLU A 120 -16.67 2.79 -8.02
C GLU A 120 -15.64 3.89 -7.87
N GLY A 121 -15.63 4.54 -6.71
CA GLY A 121 -14.67 5.60 -6.48
C GLY A 121 -13.29 5.14 -6.93
N ILE A 122 -13.03 3.87 -6.65
CA ILE A 122 -11.77 3.23 -7.03
C ILE A 122 -11.67 2.95 -8.54
N ALA A 123 -12.69 2.31 -9.10
CA ALA A 123 -12.67 1.99 -10.52
C ALA A 123 -12.59 3.25 -11.37
N ASP A 124 -13.54 4.17 -11.17
CA ASP A 124 -13.58 5.42 -11.91
C ASP A 124 -12.23 6.12 -11.97
N TYR A 125 -11.72 6.51 -10.81
CA TYR A 125 -10.44 7.19 -10.68
C TYR A 125 -9.33 6.37 -11.37
N GLY A 126 -9.31 5.06 -11.09
CA GLY A 126 -8.31 4.20 -11.68
C GLY A 126 -8.37 4.27 -13.19
N ASN A 127 -9.56 4.24 -13.74
CA ASN A 127 -9.72 4.29 -15.19
C ASN A 127 -9.36 5.65 -15.75
N SER A 128 -9.75 6.70 -15.04
CA SER A 128 -9.48 8.06 -15.51
C SER A 128 -8.01 8.47 -15.58
N ILE A 129 -7.15 7.76 -14.85
CA ILE A 129 -5.72 8.08 -14.88
C ILE A 129 -5.02 7.14 -15.86
N GLY A 130 -5.71 6.09 -16.27
CA GLY A 130 -5.12 5.14 -17.20
C GLY A 130 -4.32 4.08 -16.51
N VAL A 131 -4.74 3.69 -15.31
CA VAL A 131 -4.03 2.67 -14.56
C VAL A 131 -4.97 1.54 -14.19
N PRO A 132 -4.76 0.37 -14.78
CA PRO A 132 -5.62 -0.79 -14.50
C PRO A 132 -5.62 -1.26 -13.06
N THR A 133 -6.71 -1.88 -12.67
CA THR A 133 -6.87 -2.44 -11.35
C THR A 133 -6.68 -3.94 -11.52
N VAL A 134 -5.44 -4.36 -11.79
CA VAL A 134 -5.10 -5.76 -12.03
C VAL A 134 -5.66 -6.81 -11.09
N GLY A 135 -6.00 -6.43 -9.86
CA GLY A 135 -6.52 -7.40 -8.93
C GLY A 135 -7.23 -6.77 -7.75
N GLY A 136 -7.42 -7.56 -6.70
CA GLY A 136 -8.08 -7.04 -5.53
C GLY A 136 -8.44 -8.16 -4.59
N GLU A 137 -8.95 -7.77 -3.43
CA GLU A 137 -9.35 -8.67 -2.37
C GLU A 137 -10.60 -8.07 -1.76
N LEU A 138 -11.62 -8.89 -1.57
CA LEU A 138 -12.88 -8.41 -1.00
C LEU A 138 -13.32 -9.25 0.20
N ARG A 139 -13.32 -8.65 1.38
CA ARG A 139 -13.69 -9.36 2.60
C ARG A 139 -14.96 -8.76 3.22
N ILE A 140 -16.00 -9.59 3.33
CA ILE A 140 -17.27 -9.12 3.87
C ILE A 140 -17.57 -9.57 5.30
N SER A 141 -17.89 -8.61 6.17
CA SER A 141 -18.21 -8.90 7.57
C SER A 141 -18.81 -7.69 8.33
N SER A 142 -19.80 -7.95 9.17
CA SER A 142 -20.45 -6.88 9.92
C SER A 142 -19.51 -6.31 10.97
N LEU A 143 -18.45 -7.05 11.26
CA LEU A 143 -17.48 -6.58 12.22
C LEU A 143 -16.86 -5.27 11.71
N TYR A 144 -17.00 -5.03 10.40
CA TYR A 144 -16.48 -3.84 9.74
C TYR A 144 -17.60 -2.88 9.40
N ALA A 145 -18.77 -3.12 9.98
CA ALA A 145 -20.00 -2.36 9.77
C ALA A 145 -19.90 -0.85 9.69
N HIS A 146 -19.29 -0.22 10.69
CA HIS A 146 -19.20 1.22 10.67
C HIS A 146 -17.78 1.64 10.42
N ASN A 147 -16.91 0.68 10.16
CA ASN A 147 -15.52 0.99 9.92
C ASN A 147 -15.00 0.30 8.67
N PRO A 148 -15.43 0.76 7.48
CA PRO A 148 -14.95 0.11 6.27
C PRO A 148 -13.45 0.29 6.14
N LEU A 149 -12.77 -0.79 5.75
CA LEU A 149 -11.32 -0.74 5.57
C LEU A 149 -11.06 -0.71 4.08
N VAL A 150 -10.43 0.36 3.62
CA VAL A 150 -10.12 0.49 2.22
C VAL A 150 -8.63 0.56 2.02
N ASN A 151 -8.03 -0.60 1.77
CA ASN A 151 -6.59 -0.64 1.55
C ASN A 151 -6.26 -0.72 0.06
N VAL A 152 -5.80 0.40 -0.48
CA VAL A 152 -5.45 0.45 -1.88
C VAL A 152 -3.95 0.32 -2.06
N LEU A 153 -3.58 -0.54 -3.00
CA LEU A 153 -2.17 -0.79 -3.28
C LEU A 153 -1.87 -0.36 -4.71
N ALA A 154 -0.77 0.34 -4.91
CA ALA A 154 -0.39 0.81 -6.24
C ALA A 154 1.03 0.32 -6.51
N ALA A 155 1.39 0.20 -7.78
CA ALA A 155 2.71 -0.29 -8.16
C ALA A 155 3.12 0.28 -9.50
N GLY A 156 4.43 0.30 -9.74
CA GLY A 156 4.92 0.84 -11.00
C GLY A 156 6.31 0.36 -11.36
N VAL A 157 6.74 0.70 -12.57
CA VAL A 157 8.06 0.29 -13.00
C VAL A 157 8.95 1.50 -13.23
N VAL A 158 10.17 1.38 -12.73
CA VAL A 158 11.15 2.43 -12.87
C VAL A 158 12.50 1.79 -13.16
N ARG A 159 13.26 2.39 -14.08
CA ARG A 159 14.58 1.89 -14.40
C ARG A 159 15.44 2.24 -13.21
N ASN A 160 16.34 1.34 -12.85
CA ASN A 160 17.20 1.54 -11.70
C ASN A 160 18.12 2.74 -11.82
N ASP A 161 18.31 3.23 -13.04
CA ASP A 161 19.16 4.40 -13.25
C ASP A 161 18.30 5.64 -13.34
N MET A 162 17.12 5.59 -12.75
CA MET A 162 16.20 6.71 -12.78
C MET A 162 15.44 6.82 -11.46
N LEU A 163 15.81 5.98 -10.51
CA LEU A 163 15.19 5.98 -9.19
C LEU A 163 15.23 7.41 -8.65
N VAL A 164 14.12 7.91 -8.12
CA VAL A 164 14.11 9.25 -7.56
C VAL A 164 14.04 9.18 -6.05
N ASP A 165 14.84 10.00 -5.37
CA ASP A 165 14.87 9.99 -3.92
C ASP A 165 13.81 10.87 -3.26
N SER A 166 13.36 10.44 -2.09
CA SER A 166 12.37 11.18 -1.32
C SER A 166 13.07 12.08 -0.31
N LYS A 167 14.17 12.70 -0.71
CA LYS A 167 14.90 13.56 0.22
C LYS A 167 15.70 14.68 -0.46
N ALA A 168 16.17 15.61 0.35
CA ALA A 168 17.00 16.73 -0.14
C ALA A 168 18.44 16.35 0.19
N SER A 169 19.34 16.49 -0.79
CA SER A 169 20.74 16.10 -0.64
C SER A 169 21.80 17.15 -0.31
N ARG A 170 21.65 18.35 -0.85
CA ARG A 170 22.65 19.40 -0.61
C ARG A 170 22.09 20.80 -0.45
N PRO A 171 22.66 21.59 0.48
CA PRO A 171 22.24 22.97 0.75
C PRO A 171 22.29 23.77 -0.53
N GLY A 172 21.17 24.30 -0.98
CA GLY A 172 21.18 25.08 -2.19
C GLY A 172 20.16 24.66 -3.23
N GLN A 173 19.61 23.47 -3.09
CA GLN A 173 18.62 23.02 -4.04
C GLN A 173 17.34 23.79 -3.76
N VAL A 174 16.37 23.69 -4.68
CA VAL A 174 15.08 24.35 -4.50
C VAL A 174 14.01 23.29 -4.59
N ILE A 175 12.90 23.54 -3.93
CA ILE A 175 11.78 22.61 -3.94
C ILE A 175 10.66 23.26 -4.72
N VAL A 176 10.14 22.51 -5.69
CA VAL A 176 9.03 23.01 -6.49
C VAL A 176 7.76 22.26 -6.18
N ILE A 177 6.64 22.98 -6.19
CA ILE A 177 5.34 22.41 -5.92
C ILE A 177 4.50 22.62 -7.15
N PHE A 178 4.02 21.55 -7.77
CA PHE A 178 3.17 21.73 -8.94
C PHE A 178 2.02 20.71 -9.01
N GLY A 179 1.12 20.90 -9.98
CA GLY A 179 -0.03 20.02 -10.10
C GLY A 179 -1.26 20.86 -9.82
N GLY A 180 -2.18 20.35 -9.02
CA GLY A 180 -3.37 21.11 -8.71
C GLY A 180 -3.05 22.39 -7.96
N ALA A 181 -3.98 23.33 -7.97
CA ALA A 181 -3.80 24.59 -7.26
C ALA A 181 -4.18 24.38 -5.81
N THR A 182 -3.52 25.07 -4.88
CA THR A 182 -3.82 24.92 -3.47
C THR A 182 -5.05 25.73 -3.09
N GLY A 183 -5.91 25.14 -2.27
CA GLY A 183 -7.12 25.83 -1.84
C GLY A 183 -7.49 25.31 -0.48
N ARG A 184 -8.43 25.96 0.19
CA ARG A 184 -8.85 25.53 1.53
C ARG A 184 -9.41 24.12 1.60
N ASP A 185 -8.56 23.11 1.37
CA ASP A 185 -9.00 21.71 1.41
C ASP A 185 -8.40 21.02 2.63
N GLY A 186 -9.27 20.48 3.48
CA GLY A 186 -8.82 19.82 4.69
C GLY A 186 -8.55 20.85 5.78
N ILE A 187 -9.34 21.93 5.80
CA ILE A 187 -9.21 23.00 6.78
C ILE A 187 -7.74 23.33 7.05
N VAL A 209 -12.79 15.27 -3.53
CA VAL A 209 -12.93 16.27 -4.58
C VAL A 209 -11.79 16.22 -5.58
N GLY A 210 -11.00 15.15 -5.54
CA GLY A 210 -9.89 15.04 -6.46
C GLY A 210 -10.36 14.63 -7.84
N ASP A 211 -9.56 14.95 -8.86
CA ASP A 211 -9.93 14.58 -10.23
C ASP A 211 -8.75 13.96 -10.94
N PRO A 212 -8.95 12.77 -11.49
CA PRO A 212 -7.95 11.99 -12.21
C PRO A 212 -7.35 12.65 -13.46
N PHE A 213 -8.09 13.54 -14.12
CA PHE A 213 -7.53 14.19 -15.29
C PHE A 213 -6.24 14.87 -14.88
N ALA A 214 -6.35 15.69 -13.84
CA ALA A 214 -5.20 16.41 -13.32
C ALA A 214 -4.12 15.41 -12.96
N GLU A 215 -4.48 14.44 -12.12
CA GLU A 215 -3.58 13.38 -11.66
C GLU A 215 -2.86 12.80 -12.89
N LYS A 216 -3.60 12.56 -13.96
CA LYS A 216 -2.99 11.99 -15.16
C LYS A 216 -1.94 12.93 -15.71
N MET A 217 -2.24 14.23 -15.74
CA MET A 217 -1.29 15.22 -16.24
C MET A 217 -0.07 15.24 -15.33
N LEU A 218 -0.31 15.07 -14.03
CA LEU A 218 0.76 15.05 -13.06
C LEU A 218 1.72 13.89 -13.35
N ILE A 219 1.16 12.71 -13.61
CA ILE A 219 1.95 11.53 -13.93
C ILE A 219 2.72 11.79 -15.23
N GLU A 220 2.00 12.14 -16.29
CA GLU A 220 2.66 12.39 -17.56
C GLU A 220 3.66 13.54 -17.47
N ALA A 221 3.39 14.51 -16.61
CA ALA A 221 4.28 15.67 -16.47
C ALA A 221 5.49 15.36 -15.59
N PHE A 222 5.28 14.62 -14.51
CA PHE A 222 6.38 14.29 -13.60
C PHE A 222 7.42 13.42 -14.30
N LEU A 223 6.99 12.29 -14.84
CA LEU A 223 7.90 11.40 -15.52
C LEU A 223 8.72 12.21 -16.51
N GLU A 224 8.04 13.00 -17.34
CA GLU A 224 8.68 13.83 -18.34
C GLU A 224 9.95 14.48 -17.74
N MET A 225 9.75 15.23 -16.66
CA MET A 225 10.83 15.92 -15.97
C MET A 225 11.91 14.94 -15.53
N VAL A 226 11.49 13.78 -15.02
CA VAL A 226 12.42 12.75 -14.55
C VAL A 226 13.40 12.30 -15.65
N GLU A 227 12.90 12.16 -16.88
CA GLU A 227 13.73 11.75 -18.01
C GLU A 227 14.85 12.74 -18.19
N GLU A 228 14.48 14.02 -18.28
CA GLU A 228 15.44 15.10 -18.45
C GLU A 228 16.37 15.32 -17.27
N GLY A 229 16.36 14.40 -16.32
CA GLY A 229 17.21 14.53 -15.16
C GLY A 229 16.89 15.78 -14.36
N LEU A 230 15.67 16.27 -14.50
CA LEU A 230 15.21 17.48 -13.80
C LEU A 230 14.63 17.22 -12.43
N VAL A 231 14.69 15.97 -11.96
CA VAL A 231 14.16 15.62 -10.66
C VAL A 231 15.26 15.00 -9.81
N GLU A 232 15.64 15.66 -8.72
CA GLU A 232 16.70 15.16 -7.88
C GLU A 232 16.16 14.72 -6.53
N GLY A 233 14.88 14.99 -6.33
CA GLY A 233 14.23 14.63 -5.08
C GLY A 233 12.74 14.86 -5.24
N ALA A 234 11.93 14.03 -4.61
CA ALA A 234 10.51 14.23 -4.75
C ALA A 234 9.73 13.64 -3.60
N GLN A 235 8.52 14.13 -3.44
CA GLN A 235 7.64 13.64 -2.42
C GLN A 235 6.24 14.09 -2.77
N ASP A 236 5.27 13.19 -2.62
CA ASP A 236 3.89 13.52 -2.93
C ASP A 236 3.33 14.42 -1.86
N LEU A 237 2.25 15.11 -2.20
CA LEU A 237 1.62 15.98 -1.24
C LEU A 237 0.38 15.29 -0.69
N GLY A 238 0.41 14.99 0.59
CA GLY A 238 -0.74 14.35 1.19
C GLY A 238 -1.07 15.03 2.50
N ALA A 239 -1.36 14.24 3.51
CA ALA A 239 -1.67 14.83 4.79
C ALA A 239 -0.53 15.80 5.08
N GLY A 240 -0.90 17.05 5.37
CA GLY A 240 0.12 18.04 5.70
C GLY A 240 0.46 19.03 4.63
N GLY A 241 -0.01 18.77 3.41
CA GLY A 241 0.26 19.67 2.29
C GLY A 241 1.70 20.16 2.17
N VAL A 242 1.87 21.39 1.72
CA VAL A 242 3.20 21.98 1.56
C VAL A 242 4.08 21.82 2.79
N LEU A 243 3.46 21.71 3.95
CA LEU A 243 4.19 21.57 5.20
C LEU A 243 4.98 20.26 5.25
N SER A 244 4.27 19.15 5.29
CA SER A 244 4.91 17.83 5.37
C SER A 244 5.95 17.51 4.33
N ALA A 245 5.61 17.71 3.06
CA ALA A 245 6.53 17.44 1.96
C ALA A 245 7.84 18.22 2.04
N THR A 246 7.80 19.50 2.41
CA THR A 246 9.05 20.27 2.50
C THR A 246 9.87 19.95 3.75
N SER A 247 9.23 19.86 4.91
CA SER A 247 9.96 19.58 6.14
C SER A 247 10.57 18.20 6.12
N GLU A 248 9.85 17.25 5.53
CA GLU A 248 10.35 15.89 5.47
C GLU A 248 11.38 15.73 4.38
N LEU A 249 11.28 16.54 3.33
CA LEU A 249 12.27 16.47 2.27
C LEU A 249 13.63 16.92 2.79
N VAL A 250 13.63 17.98 3.59
CA VAL A 250 14.87 18.51 4.15
C VAL A 250 15.32 17.75 5.41
N ALA A 251 14.37 17.29 6.21
CA ALA A 251 14.74 16.58 7.43
C ALA A 251 15.36 15.23 7.09
N LYS A 252 14.87 14.57 6.04
CA LYS A 252 15.43 13.28 5.67
C LYS A 252 16.90 13.41 5.29
N GLY A 253 17.30 14.61 4.90
CA GLY A 253 18.67 14.85 4.53
C GLY A 253 19.40 15.77 5.50
N ASN A 254 18.91 15.84 6.74
CA ASN A 254 19.48 16.67 7.80
C ASN A 254 19.74 18.11 7.35
N LEU A 255 18.80 18.68 6.62
CA LEU A 255 18.96 20.04 6.12
C LEU A 255 17.82 20.94 6.60
N GLY A 256 17.70 22.11 5.98
CA GLY A 256 16.66 23.05 6.35
C GLY A 256 15.89 23.58 5.15
N ALA A 257 14.96 24.49 5.42
CA ALA A 257 14.17 25.03 4.34
C ALA A 257 13.63 26.41 4.65
N ILE A 258 13.58 27.24 3.63
CA ILE A 258 13.02 28.57 3.72
C ILE A 258 11.83 28.50 2.78
N VAL A 259 10.68 28.14 3.35
CA VAL A 259 9.45 28.01 2.59
C VAL A 259 8.81 29.37 2.35
N HIS A 260 8.61 29.70 1.08
CA HIS A 260 8.00 30.95 0.68
C HIS A 260 6.57 30.65 0.23
N LEU A 261 5.64 30.75 1.17
CA LEU A 261 4.22 30.46 0.94
C LEU A 261 3.50 31.33 -0.09
N ASP A 262 4.10 32.45 -0.47
CA ASP A 262 3.46 33.33 -1.42
C ASP A 262 3.73 32.88 -2.85
N ARG A 263 4.55 31.85 -3.01
CA ARG A 263 4.85 31.36 -4.34
C ARG A 263 4.09 30.08 -4.66
N VAL A 264 3.27 29.64 -3.71
CA VAL A 264 2.42 28.46 -3.88
C VAL A 264 1.23 28.93 -4.72
N PRO A 265 0.93 28.23 -5.83
CA PRO A 265 -0.21 28.67 -6.63
C PRO A 265 -1.52 28.38 -5.89
N LEU A 266 -2.33 29.42 -5.68
CA LEU A 266 -3.56 29.26 -4.94
C LEU A 266 -4.83 29.20 -5.77
N ARG A 267 -5.73 28.32 -5.35
CA ARG A 267 -7.05 28.10 -5.96
C ARG A 267 -7.94 29.25 -5.53
N GLU A 268 -7.91 29.53 -4.22
CA GLU A 268 -8.66 30.62 -3.62
C GLU A 268 -7.52 31.51 -3.14
N PRO A 269 -7.36 32.70 -3.75
CA PRO A 269 -6.31 33.68 -3.44
C PRO A 269 -6.30 34.37 -2.06
N ASP A 270 -7.45 34.37 -1.38
CA ASP A 270 -7.54 35.01 -0.07
C ASP A 270 -7.36 34.01 1.07
N MET A 271 -6.23 33.31 1.09
CA MET A 271 -5.97 32.32 2.13
C MET A 271 -4.92 32.83 3.09
N GLU A 272 -5.04 32.45 4.37
CA GLU A 272 -4.05 32.89 5.34
C GLU A 272 -2.83 31.99 5.23
N PRO A 273 -1.65 32.51 5.58
CA PRO A 273 -0.43 31.73 5.50
C PRO A 273 -0.61 30.30 6.01
N TRP A 274 -1.01 30.18 7.28
CA TRP A 274 -1.22 28.85 7.86
C TRP A 274 -2.11 27.93 7.01
N GLU A 275 -3.08 28.50 6.29
CA GLU A 275 -3.95 27.70 5.42
C GLU A 275 -3.15 27.17 4.23
N ILE A 276 -2.55 28.08 3.48
CA ILE A 276 -1.75 27.69 2.34
C ILE A 276 -0.82 26.55 2.79
N LEU A 277 -0.04 26.84 3.80
CA LEU A 277 0.93 25.89 4.31
C LEU A 277 0.39 24.50 4.59
N ILE A 278 -0.67 24.43 5.40
CA ILE A 278 -1.24 23.15 5.77
C ILE A 278 -2.32 22.58 4.85
N SER A 279 -2.74 23.35 3.85
CA SER A 279 -3.76 22.87 2.94
C SER A 279 -3.46 21.46 2.41
N GLU A 280 -4.49 20.67 2.19
CA GLU A 280 -4.29 19.32 1.70
C GLU A 280 -4.94 19.07 0.33
N SER A 281 -4.83 20.04 -0.56
CA SER A 281 -5.38 19.94 -1.91
C SER A 281 -4.79 18.69 -2.61
N GLN A 282 -5.60 18.03 -3.44
CA GLN A 282 -5.21 16.82 -4.16
C GLN A 282 -4.37 17.12 -5.40
N GLU A 283 -3.94 16.05 -6.06
CA GLU A 283 -3.15 16.12 -7.29
C GLU A 283 -2.02 17.15 -7.26
N ARG A 284 -1.13 17.04 -6.27
CA ARG A 284 0.01 17.96 -6.12
C ARG A 284 1.29 17.21 -5.78
N MET A 285 2.41 17.69 -6.31
CA MET A 285 3.68 17.04 -6.09
C MET A 285 4.76 18.05 -5.70
N ALA A 286 5.80 17.57 -5.03
CA ALA A 286 6.88 18.43 -4.64
C ALA A 286 8.16 17.87 -5.26
N VAL A 287 8.87 18.70 -6.00
CA VAL A 287 10.10 18.28 -6.65
C VAL A 287 11.31 19.05 -6.16
N VAL A 288 12.31 18.31 -5.72
CA VAL A 288 13.58 18.87 -5.26
C VAL A 288 14.53 18.86 -6.46
N THR A 289 15.09 20.02 -6.80
CA THR A 289 15.99 20.10 -7.95
C THR A 289 17.03 21.19 -7.85
N SER A 290 17.86 21.31 -8.88
CA SER A 290 18.89 22.34 -8.95
C SER A 290 18.20 23.63 -9.38
N PRO A 291 18.63 24.78 -8.84
CA PRO A 291 18.00 26.06 -9.20
C PRO A 291 17.92 26.31 -10.71
N GLN A 292 18.95 25.87 -11.45
CA GLN A 292 19.00 26.08 -12.89
C GLN A 292 17.97 25.25 -13.66
N LYS A 293 17.41 24.22 -13.00
CA LYS A 293 16.42 23.34 -13.61
C LYS A 293 14.95 23.73 -13.40
N ALA A 294 14.69 24.56 -12.39
CA ALA A 294 13.33 25.00 -12.08
C ALA A 294 12.57 25.57 -13.27
N SER A 295 13.22 26.47 -14.02
CA SER A 295 12.61 27.10 -15.18
C SER A 295 11.96 26.07 -16.11
N ARG A 296 12.62 24.93 -16.25
CA ARG A 296 12.13 23.85 -17.10
C ARG A 296 11.02 23.05 -16.40
N ILE A 297 11.17 22.86 -15.10
CA ILE A 297 10.18 22.14 -14.31
C ILE A 297 8.86 22.90 -14.50
N LEU A 298 8.91 24.23 -14.34
CA LEU A 298 7.72 25.04 -14.47
C LEU A 298 7.20 25.10 -15.90
N GLU A 299 8.07 24.84 -16.87
CA GLU A 299 7.60 24.85 -18.26
C GLU A 299 6.88 23.57 -18.62
N ILE A 300 7.45 22.44 -18.18
CA ILE A 300 6.81 21.14 -18.44
C ILE A 300 5.52 21.09 -17.62
N ALA A 301 5.54 21.76 -16.47
CA ALA A 301 4.39 21.80 -15.59
C ALA A 301 3.24 22.58 -16.18
N ARG A 302 3.54 23.79 -16.65
CA ARG A 302 2.52 24.65 -17.26
C ARG A 302 2.01 24.05 -18.57
N LYS A 303 2.91 23.47 -19.35
CA LYS A 303 2.54 22.85 -20.62
C LYS A 303 1.47 21.79 -20.42
N HIS A 304 1.57 21.06 -19.32
CA HIS A 304 0.62 20.01 -19.00
C HIS A 304 -0.56 20.55 -18.20
N LEU A 305 -0.78 21.86 -18.33
CA LEU A 305 -1.88 22.55 -17.66
C LEU A 305 -1.85 22.52 -16.13
N LEU A 306 -0.66 22.39 -15.57
CA LEU A 306 -0.53 22.36 -14.12
C LEU A 306 -0.04 23.71 -13.59
N PHE A 307 -0.07 23.87 -12.27
CA PHE A 307 0.36 25.11 -11.64
C PHE A 307 1.59 24.86 -10.80
N GLY A 308 2.71 25.48 -11.17
CA GLY A 308 3.92 25.27 -10.41
C GLY A 308 4.64 26.54 -10.07
N ASP A 309 5.71 26.41 -9.30
CA ASP A 309 6.54 27.54 -8.88
C ASP A 309 7.62 27.04 -7.93
N VAL A 310 8.65 27.86 -7.71
CA VAL A 310 9.72 27.47 -6.79
C VAL A 310 9.30 27.97 -5.42
N VAL A 311 8.68 27.07 -4.66
CA VAL A 311 8.17 27.40 -3.34
C VAL A 311 9.21 27.49 -2.23
N ALA A 312 9.97 26.42 -2.03
CA ALA A 312 10.98 26.40 -0.97
C ALA A 312 12.41 26.27 -1.47
N GLU A 313 13.37 26.44 -0.56
CA GLU A 313 14.80 26.34 -0.87
C GLU A 313 15.53 25.62 0.27
N VAL A 314 16.24 24.53 -0.05
CA VAL A 314 16.97 23.76 0.96
C VAL A 314 18.21 24.49 1.45
N ILE A 315 18.45 24.49 2.76
CA ILE A 315 19.62 25.16 3.33
C ILE A 315 20.38 24.32 4.36
N GLU A 316 21.51 24.83 4.85
CA GLU A 316 22.35 24.10 5.80
C GLU A 316 21.92 24.14 7.27
N GLU A 317 21.44 25.29 7.74
CA GLU A 317 20.98 25.38 9.13
C GLU A 317 19.71 24.53 9.24
N PRO A 318 19.74 23.49 10.09
CA PRO A 318 18.60 22.59 10.28
C PRO A 318 17.35 23.19 10.91
N VAL A 319 16.96 24.38 10.44
CA VAL A 319 15.74 25.00 10.92
C VAL A 319 14.75 25.01 9.79
N TYR A 320 13.47 24.95 10.14
CA TYR A 320 12.38 24.97 9.16
C TYR A 320 11.76 26.37 9.27
N ARG A 321 12.21 27.28 8.42
CA ARG A 321 11.73 28.66 8.43
C ARG A 321 10.67 28.92 7.36
N VAL A 322 9.45 29.18 7.82
CA VAL A 322 8.31 29.42 6.94
C VAL A 322 8.03 30.92 6.84
N MET A 323 8.19 31.44 5.63
CA MET A 323 7.96 32.84 5.36
C MET A 323 6.74 32.99 4.51
N TYR A 324 6.17 34.19 4.54
CA TYR A 324 5.07 34.47 3.65
C TYR A 324 5.84 35.33 2.65
N ARG A 325 5.61 36.63 2.62
CA ARG A 325 6.40 37.45 1.72
C ARG A 325 7.65 37.79 2.52
N ASN A 326 7.55 38.77 3.40
CA ASN A 326 8.66 39.16 4.24
C ASN A 326 8.33 38.92 5.72
N ASP A 327 7.09 38.48 5.98
CA ASP A 327 6.66 38.22 7.34
C ASP A 327 7.03 36.79 7.74
N LEU A 328 7.57 36.62 8.95
CA LEU A 328 7.94 35.28 9.42
C LEU A 328 6.70 34.61 9.98
N VAL A 329 6.25 33.55 9.31
CA VAL A 329 5.06 32.83 9.73
C VAL A 329 5.38 31.84 10.85
N MET A 330 6.53 31.19 10.76
CA MET A 330 6.92 30.22 11.76
C MET A 330 8.36 29.79 11.57
N GLU A 331 8.96 29.24 12.62
CA GLU A 331 10.32 28.76 12.53
C GLU A 331 10.57 27.78 13.65
N VAL A 332 10.94 26.56 13.28
CA VAL A 332 11.19 25.55 14.29
C VAL A 332 12.27 24.57 13.85
N PRO A 333 12.87 23.85 14.81
CA PRO A 333 13.91 22.89 14.47
C PRO A 333 13.30 21.82 13.60
N VAL A 334 13.54 21.88 12.30
CA VAL A 334 12.99 20.92 11.34
C VAL A 334 12.85 19.51 11.93
N GLN A 335 13.88 19.06 12.65
CA GLN A 335 13.85 17.74 13.25
C GLN A 335 12.73 17.61 14.25
N LEU A 336 12.49 18.65 15.05
CA LEU A 336 11.41 18.60 16.03
C LEU A 336 10.08 18.32 15.31
N LEU A 337 9.97 18.84 14.10
CA LEU A 337 8.79 18.65 13.29
C LEU A 337 8.76 17.21 12.76
N ALA A 338 9.82 16.83 12.04
CA ALA A 338 9.93 15.49 11.45
C ALA A 338 9.69 14.33 12.41
N ASN A 339 10.27 14.42 13.60
CA ASN A 339 10.15 13.37 14.60
C ASN A 339 9.05 13.65 15.62
N ALA A 340 8.18 12.66 15.81
CA ALA A 340 7.09 12.79 16.76
C ALA A 340 7.43 11.95 17.98
N PRO A 341 6.93 12.34 19.16
CA PRO A 341 7.19 11.60 20.39
C PRO A 341 6.92 10.13 20.13
N GLU A 342 7.84 9.26 20.56
CA GLU A 342 7.65 7.82 20.34
C GLU A 342 7.12 7.04 21.54
N GLU A 343 5.94 6.43 21.38
CA GLU A 343 5.36 5.64 22.45
C GLU A 343 6.27 4.44 22.65
N ASP A 344 6.22 3.85 23.83
CA ASP A 344 7.07 2.70 24.05
C ASP A 344 6.53 1.49 23.32
N ILE A 345 7.29 0.40 23.37
CA ILE A 345 6.92 -0.83 22.72
C ILE A 345 6.58 -1.86 23.80
N VAL A 346 5.82 -2.87 23.43
CA VAL A 346 5.46 -3.94 24.34
C VAL A 346 5.86 -5.27 23.71
N GLU A 347 6.69 -6.04 24.41
CA GLU A 347 7.17 -7.33 23.91
C GLU A 347 6.10 -8.41 23.96
N TYR A 348 5.65 -8.86 22.80
CA TYR A 348 4.64 -9.90 22.76
C TYR A 348 5.30 -11.26 22.60
N THR A 349 4.99 -12.16 23.53
CA THR A 349 5.55 -13.49 23.50
C THR A 349 4.52 -14.49 23.01
N PRO A 350 4.70 -14.96 21.76
CA PRO A 350 3.80 -15.91 21.12
C PRO A 350 3.39 -17.02 22.06
N GLY A 351 2.11 -17.38 22.02
CA GLY A 351 1.61 -18.46 22.85
C GLY A 351 1.54 -19.67 21.95
N LYS A 352 1.01 -20.78 22.45
CA LYS A 352 0.89 -21.97 21.62
C LYS A 352 -0.12 -21.65 20.51
N ILE A 353 -0.06 -22.32 19.38
CA ILE A 353 -1.03 -21.99 18.35
C ILE A 353 -2.38 -22.63 18.72
N PRO A 354 -3.41 -21.82 18.85
CA PRO A 354 -4.74 -22.32 19.19
C PRO A 354 -5.39 -22.71 17.87
N GLU A 355 -6.55 -23.36 17.89
CA GLU A 355 -7.21 -23.66 16.62
C GLU A 355 -8.43 -22.80 16.54
N PHE A 356 -8.64 -22.28 15.34
CA PHE A 356 -9.75 -21.39 15.07
C PHE A 356 -11.03 -22.14 14.68
N LYS A 357 -12.15 -21.46 14.80
CA LYS A 357 -13.45 -22.02 14.45
C LYS A 357 -14.01 -21.21 13.31
N ARG A 358 -14.92 -21.78 12.54
CA ARG A 358 -15.52 -21.10 11.40
C ARG A 358 -16.08 -19.72 11.72
N VAL A 359 -15.22 -18.70 11.81
CA VAL A 359 -15.72 -17.34 12.03
C VAL A 359 -15.95 -17.02 10.57
N GLU A 360 -17.18 -16.76 10.17
CA GLU A 360 -17.37 -16.49 8.76
C GLU A 360 -17.57 -15.09 8.29
N PHE A 361 -17.07 -14.89 7.08
CA PHE A 361 -17.16 -13.65 6.36
C PHE A 361 -18.08 -14.06 5.23
N GLU A 362 -19.30 -13.51 5.30
CA GLU A 362 -20.43 -13.75 4.39
C GLU A 362 -20.36 -14.40 3.01
N GLU A 363 -19.21 -14.42 2.36
CA GLU A 363 -19.15 -15.02 1.02
C GLU A 363 -20.19 -14.34 0.13
N VAL A 364 -19.87 -13.14 -0.36
CA VAL A 364 -20.77 -12.38 -1.21
C VAL A 364 -20.21 -12.31 -2.65
N ASN A 365 -21.09 -12.50 -3.63
CA ASN A 365 -20.70 -12.47 -5.04
C ASN A 365 -21.02 -11.15 -5.73
N ALA A 366 -19.97 -10.44 -6.14
CA ALA A 366 -20.14 -9.15 -6.80
C ALA A 366 -19.53 -9.10 -8.20
N ARG A 367 -19.89 -10.06 -9.05
CA ARG A 367 -19.37 -10.08 -10.41
C ARG A 367 -19.98 -8.94 -11.21
N GLU A 368 -21.30 -8.97 -11.34
CA GLU A 368 -22.04 -7.97 -12.08
C GLU A 368 -22.00 -6.56 -11.47
N VAL A 369 -21.50 -6.46 -10.24
CA VAL A 369 -21.39 -5.17 -9.57
C VAL A 369 -20.05 -4.61 -10.01
N PHE A 370 -19.02 -5.45 -9.96
CA PHE A 370 -17.69 -5.05 -10.37
C PHE A 370 -17.73 -4.67 -11.84
N GLU A 371 -18.59 -5.35 -12.59
CA GLU A 371 -18.75 -5.11 -14.01
C GLU A 371 -19.55 -3.83 -14.29
N GLN A 372 -20.56 -3.58 -13.45
CA GLN A 372 -21.40 -2.41 -13.63
C GLN A 372 -20.63 -1.10 -13.45
N TYR A 373 -19.62 -1.15 -12.59
CA TYR A 373 -18.81 0.01 -12.30
C TYR A 373 -17.46 -0.04 -12.96
N ASP A 374 -17.24 -1.04 -13.82
CA ASP A 374 -15.98 -1.20 -14.52
C ASP A 374 -14.83 -1.35 -13.52
N HIS A 375 -14.90 -2.39 -12.70
CA HIS A 375 -13.86 -2.68 -11.73
C HIS A 375 -13.26 -3.97 -12.25
N MET A 376 -13.13 -4.01 -13.57
CA MET A 376 -12.62 -5.15 -14.33
C MET A 376 -11.65 -6.08 -13.62
N VAL A 377 -10.83 -5.52 -12.73
CA VAL A 377 -9.83 -6.31 -12.00
C VAL A 377 -9.19 -7.35 -12.91
N GLY A 378 -8.10 -6.96 -13.57
CA GLY A 378 -7.40 -7.86 -14.45
C GLY A 378 -7.92 -7.85 -15.88
N THR A 379 -7.42 -6.90 -16.65
CA THR A 379 -7.81 -6.78 -18.05
C THR A 379 -6.56 -6.95 -18.89
N ASP A 380 -5.40 -6.85 -18.23
CA ASP A 380 -4.12 -6.96 -18.91
C ASP A 380 -3.05 -7.66 -18.07
N THR A 381 -3.33 -8.89 -17.67
CA THR A 381 -2.37 -9.67 -16.89
C THR A 381 -2.07 -10.95 -17.67
N VAL A 382 -1.08 -11.71 -17.23
CA VAL A 382 -0.76 -12.96 -17.91
C VAL A 382 -1.86 -13.99 -17.61
N VAL A 383 -2.53 -13.81 -16.47
CA VAL A 383 -3.59 -14.72 -16.07
C VAL A 383 -4.61 -13.94 -15.24
N PRO A 384 -5.92 -14.17 -15.49
CA PRO A 384 -7.01 -13.50 -14.77
C PRO A 384 -6.77 -13.50 -13.25
N PRO A 385 -6.75 -12.31 -12.65
CA PRO A 385 -6.52 -12.16 -11.20
C PRO A 385 -7.57 -12.87 -10.33
N GLY A 386 -8.50 -13.55 -10.97
CA GLY A 386 -9.53 -14.27 -10.24
C GLY A 386 -8.91 -15.47 -9.54
N PHE A 387 -7.69 -15.83 -9.95
CA PHE A 387 -7.00 -16.96 -9.38
C PHE A 387 -6.04 -16.56 -8.26
N GLY A 388 -6.23 -15.37 -7.70
CA GLY A 388 -5.38 -14.90 -6.63
C GLY A 388 -4.29 -13.93 -7.05
N ALA A 389 -3.10 -14.47 -7.27
CA ALA A 389 -1.93 -13.66 -7.64
C ALA A 389 -1.91 -13.04 -9.05
N ALA A 390 -1.96 -11.71 -9.11
CA ALA A 390 -1.91 -11.02 -10.38
C ALA A 390 -0.52 -11.20 -11.00
N VAL A 391 -0.43 -11.15 -12.33
CA VAL A 391 0.86 -11.28 -12.98
C VAL A 391 1.02 -10.25 -14.09
N MET A 392 2.07 -9.42 -13.99
CA MET A 392 2.32 -8.37 -14.99
C MET A 392 3.65 -8.55 -15.70
N ARG A 393 3.64 -8.28 -17.01
CA ARG A 393 4.82 -8.37 -17.86
C ARG A 393 5.62 -7.07 -17.81
N ILE A 394 6.93 -7.19 -18.02
CA ILE A 394 7.83 -6.05 -18.07
C ILE A 394 8.45 -6.16 -19.44
N LYS A 395 8.37 -7.38 -19.97
CA LYS A 395 8.87 -7.74 -21.29
C LYS A 395 8.50 -9.21 -21.57
N ARG A 396 8.78 -9.67 -22.78
CA ARG A 396 8.45 -11.04 -23.14
C ARG A 396 8.65 -12.04 -22.01
N ASP A 397 9.88 -12.12 -21.52
CA ASP A 397 10.23 -13.09 -20.49
C ASP A 397 10.51 -12.47 -19.12
N GLY A 398 10.01 -11.27 -18.88
CA GLY A 398 10.23 -10.61 -17.60
C GLY A 398 8.95 -10.07 -16.99
N GLY A 399 8.68 -10.43 -15.75
CA GLY A 399 7.45 -9.94 -15.12
C GLY A 399 7.44 -10.09 -13.62
N TYR A 400 6.47 -9.45 -12.97
CA TYR A 400 6.33 -9.51 -11.53
C TYR A 400 4.93 -9.93 -11.07
N SER A 401 4.80 -10.32 -9.81
CA SER A 401 3.50 -10.73 -9.29
C SER A 401 3.01 -9.90 -8.11
N LEU A 402 1.71 -9.77 -8.00
CA LEU A 402 1.11 -9.01 -6.91
C LEU A 402 -0.02 -9.79 -6.26
N VAL A 403 0.09 -9.90 -4.94
CA VAL A 403 -0.85 -10.61 -4.09
C VAL A 403 -1.19 -9.76 -2.91
N THR A 404 -2.46 -9.74 -2.55
CA THR A 404 -2.91 -9.01 -1.37
C THR A 404 -3.76 -10.00 -0.61
N HIS A 405 -3.34 -10.31 0.62
CA HIS A 405 -4.03 -11.27 1.48
C HIS A 405 -4.26 -10.68 2.85
N SER A 406 -5.04 -11.37 3.67
CA SER A 406 -5.35 -10.93 5.03
C SER A 406 -6.30 -11.94 5.65
N ARG A 407 -6.15 -12.14 6.96
CA ARG A 407 -6.99 -13.09 7.65
C ARG A 407 -7.44 -12.59 9.01
N ALA A 408 -8.39 -11.67 9.01
CA ALA A 408 -8.89 -11.13 10.26
C ALA A 408 -9.82 -12.16 10.91
N ASP A 409 -10.35 -13.08 10.11
CA ASP A 409 -11.22 -14.08 10.71
C ASP A 409 -10.39 -14.88 11.70
N LEU A 410 -9.13 -15.14 11.36
CA LEU A 410 -8.24 -15.87 12.28
C LEU A 410 -7.66 -14.86 13.27
N ALA A 411 -7.26 -13.70 12.76
CA ALA A 411 -6.69 -12.65 13.58
C ALA A 411 -7.60 -12.27 14.76
N LEU A 412 -8.90 -12.19 14.49
CA LEU A 412 -9.89 -11.86 15.53
C LEU A 412 -9.65 -12.75 16.72
N GLN A 413 -9.80 -14.05 16.45
CA GLN A 413 -9.61 -15.12 17.41
C GLN A 413 -8.27 -14.97 18.10
N ASP A 414 -7.19 -15.10 17.33
CA ASP A 414 -5.84 -14.96 17.85
C ASP A 414 -5.09 -13.94 16.99
N THR A 415 -4.60 -12.88 17.61
CA THR A 415 -3.91 -11.84 16.86
C THR A 415 -2.53 -12.19 16.29
N TYR A 416 -1.62 -12.74 17.11
CA TYR A 416 -0.28 -13.11 16.60
C TYR A 416 -0.37 -14.14 15.48
N TRP A 417 -0.91 -15.32 15.79
CA TRP A 417 -1.02 -16.40 14.82
C TRP A 417 -1.88 -16.16 13.58
N GLY A 418 -2.89 -15.30 13.70
CA GLY A 418 -3.75 -15.02 12.56
C GLY A 418 -3.01 -14.15 11.56
N THR A 419 -2.13 -13.29 12.06
CA THR A 419 -1.37 -12.42 11.20
C THR A 419 -0.23 -13.21 10.56
N LEU A 420 0.49 -13.94 11.39
CA LEU A 420 1.60 -14.77 10.93
C LEU A 420 1.16 -15.63 9.76
N ILE A 421 -0.05 -16.18 9.86
CA ILE A 421 -0.61 -17.03 8.83
C ILE A 421 -0.95 -16.30 7.53
N ALA A 422 -1.51 -15.10 7.62
CA ALA A 422 -1.84 -14.36 6.41
C ALA A 422 -0.57 -14.17 5.57
N VAL A 423 0.55 -13.93 6.25
CA VAL A 423 1.83 -13.73 5.60
C VAL A 423 2.35 -15.02 4.93
N LEU A 424 2.08 -16.16 5.56
CA LEU A 424 2.52 -17.43 5.02
C LEU A 424 1.66 -17.80 3.83
N GLU A 425 0.35 -17.63 3.97
CA GLU A 425 -0.59 -17.96 2.91
C GLU A 425 -0.34 -17.10 1.70
N SER A 426 0.28 -15.94 1.92
CA SER A 426 0.61 -15.05 0.80
C SER A 426 1.76 -15.65 -0.03
N VAL A 427 2.75 -16.21 0.66
CA VAL A 427 3.87 -16.86 -0.01
C VAL A 427 3.33 -17.95 -0.93
N ARG A 428 2.35 -18.69 -0.46
CA ARG A 428 1.78 -19.77 -1.26
C ARG A 428 1.23 -19.19 -2.53
N LYS A 429 0.30 -18.24 -2.40
CA LYS A 429 -0.32 -17.59 -3.55
C LYS A 429 0.76 -17.18 -4.51
N THR A 430 1.78 -16.55 -3.97
CA THR A 430 2.92 -16.08 -4.75
C THR A 430 3.60 -17.22 -5.50
N LEU A 431 3.72 -18.38 -4.85
CA LEU A 431 4.38 -19.52 -5.46
C LEU A 431 3.46 -20.33 -6.35
N SER A 432 2.14 -20.16 -6.18
CA SER A 432 1.20 -20.92 -6.98
C SER A 432 1.13 -20.37 -8.41
N VAL A 433 1.83 -19.26 -8.65
CA VAL A 433 1.85 -18.66 -9.98
C VAL A 433 3.24 -18.77 -10.61
N GLY A 434 4.18 -19.35 -9.87
CA GLY A 434 5.52 -19.53 -10.40
C GLY A 434 6.49 -18.46 -9.97
N ALA A 435 6.00 -17.52 -9.17
CA ALA A 435 6.80 -16.38 -8.70
C ALA A 435 7.63 -16.63 -7.46
N GLU A 436 8.73 -15.88 -7.35
CA GLU A 436 9.65 -15.93 -6.22
C GLU A 436 9.30 -14.76 -5.33
N PRO A 437 8.98 -14.99 -4.05
CA PRO A 437 8.64 -13.79 -3.27
C PRO A 437 9.85 -12.87 -3.14
N LEU A 438 9.67 -11.56 -3.35
CA LEU A 438 10.78 -10.61 -3.24
C LEU A 438 10.65 -9.67 -2.04
N ALA A 439 9.45 -9.13 -1.86
CA ALA A 439 9.21 -8.19 -0.77
C ALA A 439 7.76 -8.10 -0.32
N ILE A 440 7.57 -7.46 0.82
CA ILE A 440 6.22 -7.28 1.37
C ILE A 440 5.92 -5.83 1.66
N THR A 441 4.68 -5.43 1.38
CA THR A 441 4.22 -4.10 1.71
C THR A 441 3.01 -4.44 2.57
N ASN A 442 2.82 -3.75 3.68
CA ASN A 442 1.70 -4.09 4.51
C ASN A 442 1.01 -2.87 5.05
N CYS A 443 -0.26 -3.03 5.37
CA CYS A 443 -1.02 -1.94 5.94
C CYS A 443 -1.54 -2.44 7.29
N VAL A 444 -1.31 -1.64 8.31
CA VAL A 444 -1.73 -1.99 9.65
C VAL A 444 -3.09 -1.41 10.04
N ASN A 445 -4.13 -2.24 9.96
CA ASN A 445 -5.46 -1.79 10.32
C ASN A 445 -5.78 -2.32 11.71
N TYR A 446 -5.64 -1.44 12.71
CA TYR A 446 -5.85 -1.82 14.09
C TYR A 446 -6.84 -0.91 14.78
N GLY A 447 -7.23 -1.31 15.99
CA GLY A 447 -8.16 -0.52 16.79
C GLY A 447 -7.38 0.51 17.58
N ASP A 448 -7.66 0.62 18.88
CA ASP A 448 -6.97 1.58 19.75
C ASP A 448 -5.72 0.99 20.43
N PRO A 449 -4.54 1.52 20.06
CA PRO A 449 -3.25 1.09 20.62
C PRO A 449 -3.07 1.33 22.10
N ASP A 450 -3.66 2.40 22.62
CA ASP A 450 -3.53 2.75 24.04
C ASP A 450 -4.37 1.85 24.93
N VAL A 451 -5.63 1.70 24.56
CA VAL A 451 -6.55 0.87 25.32
C VAL A 451 -6.11 -0.60 25.28
N ASP A 452 -5.52 -1.01 24.17
CA ASP A 452 -5.08 -2.39 24.01
C ASP A 452 -3.80 -2.45 23.19
N PRO A 453 -2.67 -2.05 23.78
CA PRO A 453 -1.38 -2.04 23.09
C PRO A 453 -0.80 -3.42 22.81
N VAL A 454 -1.36 -4.43 23.44
CA VAL A 454 -0.89 -5.80 23.27
C VAL A 454 -1.28 -6.36 21.91
N GLY A 455 -2.53 -6.13 21.52
CA GLY A 455 -2.98 -6.61 20.24
C GLY A 455 -2.03 -6.13 19.17
N LEU A 456 -1.76 -4.84 19.18
CA LEU A 456 -0.87 -4.24 18.21
C LEU A 456 0.49 -4.95 18.17
N SER A 457 1.12 -5.12 19.34
CA SER A 457 2.40 -5.80 19.40
C SER A 457 2.26 -7.25 18.92
N ALA A 458 1.10 -7.84 19.20
CA ALA A 458 0.87 -9.21 18.78
C ALA A 458 0.90 -9.23 17.25
N MET A 459 0.44 -8.14 16.65
CA MET A 459 0.42 -8.03 15.21
C MET A 459 1.86 -7.85 14.71
N MET A 460 2.45 -6.67 14.94
CA MET A 460 3.83 -6.38 14.52
C MET A 460 4.81 -7.54 14.73
N THR A 461 4.69 -8.21 15.86
CA THR A 461 5.57 -9.33 16.18
C THR A 461 5.29 -10.50 15.26
N ALA A 462 4.01 -10.71 14.97
CA ALA A 462 3.58 -11.78 14.09
C ALA A 462 4.22 -11.54 12.73
N LEU A 463 4.18 -10.27 12.31
CA LEU A 463 4.76 -9.87 11.04
C LEU A 463 6.29 -9.87 11.13
N LYS A 464 6.82 -9.52 12.29
CA LYS A 464 8.27 -9.53 12.42
C LYS A 464 8.74 -10.96 12.22
N ASN A 465 8.14 -11.87 12.97
CA ASN A 465 8.50 -13.27 12.88
C ASN A 465 8.24 -13.91 11.52
N ALA A 466 7.03 -13.76 10.99
CA ALA A 466 6.68 -14.36 9.70
C ALA A 466 7.71 -14.01 8.61
N CYS A 467 8.15 -12.76 8.59
CA CYS A 467 9.14 -12.35 7.60
C CYS A 467 10.49 -13.03 7.83
N GLU A 468 10.87 -13.16 9.10
CA GLU A 468 12.14 -13.81 9.45
C GLU A 468 12.03 -15.29 9.17
N PHE A 469 10.80 -15.78 9.15
CA PHE A 469 10.55 -17.19 8.87
C PHE A 469 10.57 -17.49 7.37
N SER A 470 9.87 -16.68 6.59
CA SER A 470 9.80 -16.87 5.14
C SER A 470 11.02 -16.32 4.43
N GLY A 471 11.73 -15.42 5.08
CA GLY A 471 12.89 -14.85 4.44
C GLY A 471 12.47 -13.71 3.53
N VAL A 472 11.19 -13.37 3.56
CA VAL A 472 10.71 -12.25 2.75
C VAL A 472 10.70 -11.02 3.60
N PRO A 473 11.37 -9.98 3.12
CA PRO A 473 11.48 -8.69 3.80
C PRO A 473 10.39 -7.63 3.51
N VAL A 474 10.19 -6.76 4.49
CA VAL A 474 9.21 -5.67 4.36
C VAL A 474 9.89 -4.54 3.58
N ALA A 475 9.27 -4.18 2.46
CA ALA A 475 9.77 -3.15 1.55
C ALA A 475 9.21 -1.77 1.81
N SER A 476 8.03 -1.75 2.43
CA SER A 476 7.34 -0.51 2.75
C SER A 476 6.06 -0.90 3.45
N GLY A 477 5.30 0.10 3.88
CA GLY A 477 4.06 -0.20 4.57
C GLY A 477 3.28 1.02 4.97
N ASN A 478 2.13 0.78 5.61
CA ASN A 478 1.27 1.83 6.05
C ASN A 478 0.65 1.46 7.39
N ALA A 479 -0.04 2.41 8.02
CA ALA A 479 -0.69 2.15 9.28
C ALA A 479 -1.92 3.05 9.54
N SER A 480 -2.96 2.41 10.02
CA SER A 480 -4.22 3.05 10.37
C SER A 480 -4.64 2.48 11.72
N LEU A 481 -4.50 3.29 12.76
CA LEU A 481 -4.88 2.87 14.10
C LEU A 481 -6.18 3.55 14.48
N TYR A 482 -6.60 3.34 15.72
CA TYR A 482 -7.83 3.95 16.24
C TYR A 482 -9.01 3.70 15.32
N ASN A 483 -9.19 2.47 14.91
CA ASN A 483 -10.33 2.12 14.08
C ASN A 483 -11.35 1.50 15.03
N THR A 484 -12.17 2.37 15.60
CA THR A 484 -13.17 1.97 16.57
C THR A 484 -14.55 2.57 16.31
N TYR A 485 -15.58 1.85 16.73
CA TYR A 485 -16.94 2.33 16.61
C TYR A 485 -17.51 2.31 18.00
N GLN A 486 -17.58 3.48 18.63
CA GLN A 486 -18.08 3.61 20.01
C GLN A 486 -17.52 2.52 20.94
N GLY A 487 -16.23 2.60 21.22
CA GLY A 487 -15.57 1.64 22.09
C GLY A 487 -15.09 0.36 21.44
N LYS A 488 -15.70 -0.01 20.33
CA LYS A 488 -15.35 -1.25 19.65
C LYS A 488 -14.24 -1.14 18.59
N PRO A 489 -13.18 -1.95 18.74
CA PRO A 489 -12.04 -2.00 17.83
C PRO A 489 -12.34 -3.00 16.73
N ILE A 490 -11.83 -2.73 15.53
CA ILE A 490 -12.06 -3.61 14.41
C ILE A 490 -11.27 -4.89 14.61
N PRO A 491 -11.58 -5.94 13.84
CA PRO A 491 -10.82 -7.16 14.02
C PRO A 491 -9.41 -6.74 13.67
N PRO A 492 -8.40 -7.28 14.39
CA PRO A 492 -7.02 -6.88 14.06
C PRO A 492 -6.80 -7.27 12.60
N THR A 493 -6.57 -6.29 11.73
CA THR A 493 -6.41 -6.60 10.32
C THR A 493 -5.15 -6.13 9.58
N LEU A 494 -4.13 -6.98 9.55
CA LEU A 494 -2.92 -6.65 8.82
C LEU A 494 -3.04 -7.16 7.40
N VAL A 495 -3.18 -6.24 6.44
CA VAL A 495 -3.28 -6.66 5.07
C VAL A 495 -1.90 -6.79 4.45
N VAL A 496 -1.63 -7.99 3.93
CA VAL A 496 -0.37 -8.35 3.32
C VAL A 496 -0.32 -8.10 1.82
N GLY A 497 0.69 -7.35 1.39
CA GLY A 497 0.87 -7.04 -0.03
C GLY A 497 2.21 -7.56 -0.51
N MET A 498 2.23 -8.78 -1.03
CA MET A 498 3.47 -9.41 -1.48
C MET A 498 3.87 -9.24 -2.95
N LEU A 499 5.17 -9.03 -3.19
CA LEU A 499 5.70 -8.84 -4.54
C LEU A 499 6.49 -10.07 -4.99
N GLY A 500 6.07 -10.64 -6.12
CA GLY A 500 6.76 -11.80 -6.65
C GLY A 500 7.44 -11.50 -7.95
N LYS A 501 8.47 -12.30 -8.28
CA LYS A 501 9.24 -12.16 -9.51
C LYS A 501 8.88 -13.36 -10.37
N VAL A 502 8.73 -13.18 -11.68
CA VAL A 502 8.33 -14.32 -12.50
C VAL A 502 8.35 -14.14 -14.01
N ASN A 503 8.90 -15.13 -14.71
CA ASN A 503 8.94 -15.12 -16.18
C ASN A 503 7.51 -15.43 -16.63
N PRO A 504 6.88 -14.51 -17.37
CA PRO A 504 5.51 -14.75 -17.82
C PRO A 504 5.35 -16.01 -18.67
N GLN A 505 6.32 -16.24 -19.55
CA GLN A 505 6.29 -17.41 -20.41
C GLN A 505 6.11 -18.71 -19.62
N LYS A 506 6.75 -18.78 -18.46
CA LYS A 506 6.66 -19.96 -17.61
C LYS A 506 5.36 -20.00 -16.80
N VAL A 507 4.60 -18.91 -16.78
CA VAL A 507 3.37 -18.91 -16.00
C VAL A 507 2.38 -19.93 -16.55
N ALA A 508 1.70 -20.63 -15.66
CA ALA A 508 0.76 -21.67 -16.05
C ALA A 508 -0.67 -21.20 -16.31
N LYS A 509 -1.21 -21.61 -17.45
CA LYS A 509 -2.56 -21.24 -17.85
C LYS A 509 -3.47 -22.46 -17.68
N PRO A 510 -4.73 -22.24 -17.25
CA PRO A 510 -5.61 -23.40 -17.08
C PRO A 510 -6.06 -24.08 -18.38
N LYS A 511 -6.11 -25.41 -18.31
CA LYS A 511 -6.50 -26.26 -19.42
C LYS A 511 -7.21 -27.50 -18.87
N PRO A 512 -7.73 -28.38 -19.74
CA PRO A 512 -8.42 -29.57 -19.23
C PRO A 512 -7.48 -30.47 -18.46
N SER A 513 -7.81 -30.73 -17.19
CA SER A 513 -6.97 -31.58 -16.36
C SER A 513 -7.75 -32.15 -15.18
N LYS A 514 -7.04 -32.96 -14.39
CA LYS A 514 -7.62 -33.57 -13.19
C LYS A 514 -7.31 -32.63 -12.05
N VAL A 515 -8.11 -32.69 -11.01
CA VAL A 515 -7.91 -31.81 -9.86
C VAL A 515 -7.43 -32.58 -8.64
N PHE A 516 -6.46 -32.02 -7.94
CA PHE A 516 -5.93 -32.69 -6.77
C PHE A 516 -5.99 -31.82 -5.53
N ALA A 517 -5.91 -32.47 -4.39
CA ALA A 517 -5.89 -31.80 -3.11
C ALA A 517 -4.49 -32.10 -2.58
N VAL A 518 -3.64 -31.08 -2.54
CA VAL A 518 -2.27 -31.28 -2.09
C VAL A 518 -2.01 -30.58 -0.77
N GLY A 519 -1.68 -31.36 0.25
CA GLY A 519 -1.40 -30.78 1.55
C GLY A 519 -2.25 -31.35 2.65
N TRP A 520 -2.24 -30.69 3.79
CA TRP A 520 -3.01 -31.14 4.95
C TRP A 520 -4.22 -30.27 5.21
N ASN A 521 -5.25 -30.87 5.80
CA ASN A 521 -6.49 -30.18 6.10
C ASN A 521 -6.32 -29.29 7.33
N ASP A 522 -5.15 -29.39 7.95
CA ASP A 522 -4.84 -28.61 9.13
C ASP A 522 -3.57 -27.77 8.95
N PHE A 523 -3.09 -27.19 10.04
CA PHE A 523 -1.91 -26.36 9.98
C PHE A 523 -0.80 -26.80 10.94
N GLU A 524 0.44 -26.53 10.54
CA GLU A 524 1.62 -26.88 11.33
C GLU A 524 2.77 -26.05 10.79
N LEU A 525 3.13 -25.01 11.56
CA LEU A 525 4.18 -24.09 11.17
C LEU A 525 5.42 -24.71 10.57
N GLU A 526 5.83 -25.87 11.06
CA GLU A 526 7.03 -26.52 10.55
C GLU A 526 6.91 -26.93 9.08
N ARG A 527 5.91 -27.75 8.77
CA ARG A 527 5.71 -28.21 7.42
C ARG A 527 5.14 -27.18 6.45
N GLU A 528 5.25 -25.90 6.77
CA GLU A 528 4.77 -24.85 5.88
C GLU A 528 5.70 -24.84 4.68
N LYS A 529 6.98 -24.93 4.97
CA LYS A 529 8.02 -24.93 3.94
C LYS A 529 8.05 -26.18 3.08
N GLU A 530 7.47 -27.27 3.58
CA GLU A 530 7.40 -28.48 2.81
C GLU A 530 6.28 -28.28 1.80
N LEU A 531 5.27 -27.50 2.20
CA LEU A 531 4.18 -27.21 1.28
C LEU A 531 4.70 -26.21 0.27
N TRP A 532 5.54 -25.27 0.72
CA TRP A 532 6.08 -24.33 -0.24
C TRP A 532 6.92 -25.14 -1.23
N ARG A 533 7.67 -26.10 -0.71
CA ARG A 533 8.53 -26.93 -1.52
C ARG A 533 7.77 -27.68 -2.60
N ALA A 534 6.63 -28.27 -2.24
CA ALA A 534 5.81 -29.02 -3.19
C ALA A 534 5.19 -28.12 -4.22
N ILE A 535 4.74 -26.95 -3.77
CA ILE A 535 4.13 -25.96 -4.64
C ILE A 535 5.13 -25.56 -5.74
N ARG A 536 6.41 -25.47 -5.37
CA ARG A 536 7.43 -25.10 -6.34
C ARG A 536 7.64 -26.23 -7.34
N LYS A 537 7.89 -27.44 -6.84
CA LYS A 537 8.12 -28.57 -7.74
C LYS A 537 7.05 -28.61 -8.81
N LEU A 538 5.78 -28.55 -8.39
CA LEU A 538 4.64 -28.60 -9.27
C LEU A 538 4.46 -27.40 -10.21
N SER A 539 4.59 -26.19 -9.67
CA SER A 539 4.44 -24.99 -10.51
C SER A 539 5.39 -25.03 -11.69
N GLU A 540 6.63 -25.44 -11.40
CA GLU A 540 7.67 -25.55 -12.39
C GLU A 540 7.41 -26.68 -13.39
N GLU A 541 6.75 -27.75 -12.95
CA GLU A 541 6.45 -28.87 -13.86
C GLU A 541 5.30 -28.46 -14.75
N GLY A 542 4.93 -27.18 -14.67
CA GLY A 542 3.85 -26.65 -15.48
C GLY A 542 2.43 -26.78 -14.96
N ALA A 543 2.28 -27.17 -13.70
CA ALA A 543 0.94 -27.32 -13.15
C ALA A 543 0.29 -25.97 -12.80
N PHE A 544 -1.03 -25.95 -12.82
CA PHE A 544 -1.80 -24.76 -12.49
C PHE A 544 -2.32 -24.97 -11.04
N ILE A 545 -1.92 -24.08 -10.14
CA ILE A 545 -2.29 -24.22 -8.73
C ILE A 545 -3.18 -23.12 -8.20
N LEU A 546 -3.96 -23.45 -7.16
CA LEU A 546 -4.89 -22.52 -6.49
C LEU A 546 -4.68 -22.58 -5.00
N SER A 547 -4.39 -21.45 -4.38
CA SER A 547 -4.19 -21.43 -2.93
C SER A 547 -5.07 -20.42 -2.21
N SER A 548 -6.25 -20.86 -1.78
CA SER A 548 -7.20 -20.01 -1.05
C SER A 548 -7.79 -20.80 0.11
N SER A 549 -8.00 -20.12 1.24
CA SER A 549 -8.55 -20.73 2.44
C SER A 549 -9.83 -21.53 2.27
N GLN A 550 -10.50 -21.38 1.13
CA GLN A 550 -11.73 -22.11 0.86
C GLN A 550 -11.50 -23.15 -0.25
N LEU A 551 -10.26 -23.25 -0.71
CA LEU A 551 -9.88 -24.18 -1.77
C LEU A 551 -10.52 -23.80 -3.10
N LEU A 552 -11.82 -23.54 -3.09
CA LEU A 552 -12.52 -23.17 -4.32
C LEU A 552 -13.70 -22.21 -4.05
N THR A 553 -13.83 -21.20 -4.89
CA THR A 553 -14.89 -20.21 -4.69
C THR A 553 -15.71 -19.83 -5.93
N ARG A 554 -16.49 -18.76 -5.78
CA ARG A 554 -17.31 -18.24 -6.86
C ARG A 554 -16.39 -17.83 -8.00
N THR A 555 -15.60 -16.79 -7.76
CA THR A 555 -14.65 -16.24 -8.73
C THR A 555 -13.90 -17.32 -9.53
N HIS A 556 -13.32 -18.29 -8.82
CA HIS A 556 -12.57 -19.38 -9.44
C HIS A 556 -13.41 -20.10 -10.49
N VAL A 557 -14.53 -20.64 -10.03
CA VAL A 557 -15.47 -21.34 -10.89
C VAL A 557 -15.73 -20.48 -12.12
N GLU A 558 -16.29 -19.30 -11.87
CA GLU A 558 -16.63 -18.36 -12.92
C GLU A 558 -15.52 -18.09 -13.95
N THR A 559 -14.31 -17.82 -13.47
CA THR A 559 -13.21 -17.52 -14.38
C THR A 559 -12.78 -18.72 -15.23
N PHE A 560 -13.10 -19.93 -14.78
CA PHE A 560 -12.75 -21.13 -15.53
C PHE A 560 -13.61 -21.18 -16.78
N ARG A 561 -14.78 -20.57 -16.69
CA ARG A 561 -15.70 -20.52 -17.81
C ARG A 561 -15.07 -19.65 -18.89
N GLU A 562 -14.39 -18.58 -18.47
CA GLU A 562 -13.71 -17.69 -19.41
C GLU A 562 -12.93 -18.48 -20.45
N TYR A 563 -12.44 -19.64 -20.03
CA TYR A 563 -11.67 -20.52 -20.91
C TYR A 563 -12.57 -21.58 -21.51
N GLY A 564 -13.81 -21.63 -21.01
CA GLY A 564 -14.75 -22.63 -21.48
C GLY A 564 -14.45 -23.90 -20.71
N LEU A 565 -14.18 -23.76 -19.42
CA LEU A 565 -13.87 -24.91 -18.58
C LEU A 565 -14.87 -25.13 -17.45
N LYS A 566 -15.24 -26.39 -17.27
CA LYS A 566 -16.17 -26.80 -16.25
C LYS A 566 -15.42 -27.61 -15.20
N ILE A 567 -15.30 -27.04 -14.00
CA ILE A 567 -14.62 -27.72 -12.91
C ILE A 567 -15.61 -28.53 -12.09
N GLU A 568 -15.27 -29.78 -11.82
CA GLU A 568 -16.14 -30.65 -11.03
C GLU A 568 -15.29 -31.35 -9.99
N VAL A 569 -15.39 -30.93 -8.74
CA VAL A 569 -14.59 -31.56 -7.69
C VAL A 569 -15.34 -31.82 -6.40
N LYS A 570 -14.81 -32.76 -5.63
CA LYS A 570 -15.36 -33.14 -4.34
C LYS A 570 -14.31 -32.71 -3.31
N LEU A 571 -14.38 -31.42 -2.98
CA LEU A 571 -13.45 -30.80 -2.03
C LEU A 571 -13.48 -31.37 -0.63
N PRO A 572 -12.31 -31.74 -0.10
CA PRO A 572 -12.29 -32.28 1.26
C PRO A 572 -12.65 -31.08 2.09
N GLU A 573 -12.62 -31.24 3.39
CA GLU A 573 -12.95 -30.14 4.26
C GLU A 573 -11.72 -29.69 5.04
N VAL A 574 -11.34 -28.43 4.89
CA VAL A 574 -10.21 -27.90 5.66
C VAL A 574 -10.96 -27.15 6.75
N ARG A 575 -10.27 -26.36 7.57
CA ARG A 575 -10.95 -25.59 8.61
C ARG A 575 -9.99 -25.25 9.72
N PRO A 576 -9.70 -23.97 9.88
CA PRO A 576 -10.23 -22.92 9.02
C PRO A 576 -8.95 -22.25 8.56
N ALA A 577 -7.88 -22.99 8.83
CA ALA A 577 -6.49 -22.60 8.56
C ALA A 577 -5.68 -23.88 8.26
N HIS A 578 -5.80 -24.34 7.03
CA HIS A 578 -5.15 -25.53 6.53
C HIS A 578 -3.86 -25.24 5.77
N GLN A 579 -3.20 -26.30 5.33
CA GLN A 579 -1.98 -26.24 4.54
C GLN A 579 -2.16 -27.12 3.31
N MET A 580 -3.16 -26.77 2.49
CA MET A 580 -3.47 -27.50 1.27
C MET A 580 -3.88 -26.59 0.12
N VAL A 581 -3.45 -26.94 -1.08
CA VAL A 581 -3.78 -26.18 -2.28
C VAL A 581 -4.48 -27.13 -3.23
N LEU A 582 -4.92 -26.63 -4.37
CA LEU A 582 -5.54 -27.49 -5.35
C LEU A 582 -4.65 -27.46 -6.59
N VAL A 583 -4.30 -28.63 -7.12
CA VAL A 583 -3.46 -28.69 -8.29
C VAL A 583 -4.25 -29.16 -9.50
N PHE A 584 -3.95 -28.63 -10.68
CA PHE A 584 -4.66 -29.06 -11.88
C PHE A 584 -3.60 -29.45 -12.91
N SER A 585 -3.33 -30.75 -13.01
CA SER A 585 -2.36 -31.25 -13.99
C SER A 585 -2.86 -32.50 -14.74
N GLU A 586 -2.15 -32.89 -15.78
CA GLU A 586 -2.51 -34.09 -16.52
C GLU A 586 -2.25 -35.26 -15.54
N ARG A 587 -0.98 -35.52 -15.27
CA ARG A 587 -0.58 -36.60 -14.39
C ARG A 587 -0.89 -36.33 -12.91
N THR A 588 -0.70 -37.34 -12.07
CA THR A 588 -0.91 -37.19 -10.64
C THR A 588 0.37 -36.61 -10.04
N PRO A 589 0.23 -35.64 -9.14
CA PRO A 589 1.35 -34.98 -8.47
C PRO A 589 2.19 -35.94 -7.64
N VAL A 590 3.50 -35.98 -7.92
CA VAL A 590 4.41 -36.83 -7.16
C VAL A 590 5.23 -35.91 -6.27
N VAL A 591 4.79 -35.78 -5.04
CA VAL A 591 5.47 -34.92 -4.10
C VAL A 591 5.52 -35.55 -2.71
N ASP A 592 6.34 -34.98 -1.85
CA ASP A 592 6.50 -35.47 -0.49
C ASP A 592 5.51 -34.77 0.44
N VAL A 593 4.23 -34.88 0.09
CA VAL A 593 3.14 -34.28 0.85
C VAL A 593 1.84 -34.95 0.37
N PRO A 594 0.82 -35.05 1.24
CA PRO A 594 -0.44 -35.69 0.83
C PRO A 594 -0.97 -35.24 -0.52
N VAL A 595 -1.37 -36.21 -1.33
CA VAL A 595 -1.92 -35.93 -2.64
C VAL A 595 -3.12 -36.85 -2.88
N LYS A 596 -4.26 -36.24 -3.16
CA LYS A 596 -5.49 -36.99 -3.42
C LYS A 596 -6.24 -36.41 -4.60
N GLU A 597 -6.59 -37.27 -5.54
CA GLU A 597 -7.31 -36.87 -6.73
C GLU A 597 -8.74 -36.55 -6.32
N ILE A 598 -9.30 -35.47 -6.87
CA ILE A 598 -10.66 -35.11 -6.50
C ILE A 598 -11.59 -34.55 -7.57
N GLY A 599 -11.23 -34.62 -8.85
CA GLY A 599 -12.15 -34.10 -9.85
C GLY A 599 -11.62 -33.77 -11.24
N THR A 600 -12.38 -32.97 -11.97
CA THR A 600 -12.01 -32.59 -13.32
C THR A 600 -12.06 -31.08 -13.56
N LEU A 601 -11.80 -30.73 -14.81
CA LEU A 601 -11.80 -29.37 -15.32
C LEU A 601 -11.74 -29.61 -16.83
N SER A 602 -12.89 -29.56 -17.51
CA SER A 602 -12.91 -29.82 -18.94
C SER A 602 -13.75 -28.89 -19.81
N ARG A 603 -13.85 -29.28 -21.09
CA ARG A 603 -14.60 -28.55 -22.10
C ARG A 603 -13.85 -27.33 -22.61
#